data_5F47
#
_entry.id   5F47
#
_cell.length_a   140.001
_cell.length_b   53.954
_cell.length_c   46.023
_cell.angle_alpha   90.00
_cell.angle_beta   105.19
_cell.angle_gamma   90.00
#
_symmetry.space_group_name_H-M   'C 1 2 1'
#
loop_
_entity.id
_entity.type
_entity.pdbx_description
1 polymer 'aminoglycoside acetyltransferase meta-AAC0020'
2 branched alpha-D-glucopyranose-(1-1)-alpha-D-glucopyranose
3 non-polymer 'CALCIUM ION'
4 non-polymer 'CHLORIDE ION'
5 water water
#
_entity_poly.entity_id   1
_entity_poly.type   'polypeptide(L)'
_entity_poly.pdbx_seq_one_letter_code
;MGQNMEIDNFLKIERLAENDLPKFIQLIRLFEAVFEMKNFSIPDSEHLQKLLNQNNFYVFVALLENKIVGGLTSYVLEQY
YSEKPLAYIYDLAVDTNWQRQGIGKKLITATNQFYTEKGFEEVFVQADKVDDYALDFYRSTKPTAEEQVVHFYYTLK
;
_entity_poly.pdbx_strand_id   A,B
#
# COMPACT_ATOMS: atom_id res chain seq x y z
N ILE A 7 17.01 16.20 23.42
CA ILE A 7 16.86 14.75 23.41
C ILE A 7 17.80 14.12 22.38
N ASP A 8 18.28 14.92 21.43
CA ASP A 8 19.08 14.42 20.33
C ASP A 8 20.49 14.00 20.75
N ASN A 9 20.71 13.97 22.07
CA ASN A 9 21.96 13.51 22.64
C ASN A 9 21.73 12.10 23.16
N PHE A 10 20.47 11.79 23.45
CA PHE A 10 20.07 10.52 24.02
C PHE A 10 19.34 9.64 23.01
N LEU A 11 18.67 10.29 22.06
CA LEU A 11 17.81 9.59 21.11
C LEU A 11 18.61 8.80 20.07
N LYS A 12 18.22 7.56 19.84
CA LYS A 12 18.80 6.78 18.76
C LYS A 12 17.68 6.34 17.83
N ILE A 13 17.92 6.48 16.53
CA ILE A 13 17.02 5.96 15.51
C ILE A 13 17.64 4.69 14.94
N GLU A 14 16.85 3.60 14.93
CA GLU A 14 17.38 2.29 14.55
C GLU A 14 16.45 1.64 13.54
N ARG A 15 17.01 1.16 12.43
CA ARG A 15 16.27 0.33 11.51
C ARG A 15 16.36 -1.11 12.02
N LEU A 16 15.20 -1.73 12.26
CA LEU A 16 15.20 -3.08 12.81
C LEU A 16 15.72 -4.09 11.80
N ALA A 17 16.44 -5.08 12.32
CA ALA A 17 16.90 -6.19 11.51
C ALA A 17 16.22 -7.46 11.99
N GLU A 18 16.59 -8.60 11.42
CA GLU A 18 15.86 -9.83 11.70
C GLU A 18 16.04 -10.34 13.11
N ASN A 19 17.09 -9.91 13.81
CA ASN A 19 17.31 -10.32 15.19
C ASN A 19 16.74 -9.29 16.17
N ASP A 20 15.80 -8.47 15.69
CA ASP A 20 15.18 -7.43 16.53
C ASP A 20 13.71 -7.67 16.91
N LEU A 21 13.26 -8.92 16.97
CA LEU A 21 11.87 -9.17 17.31
C LEU A 21 11.43 -8.50 18.63
N PRO A 22 12.30 -8.47 19.67
CA PRO A 22 11.78 -7.83 20.89
C PRO A 22 11.45 -6.35 20.72
N LYS A 23 12.23 -5.64 19.92
CA LYS A 23 11.96 -4.24 19.66
C LYS A 23 10.71 -4.07 18.81
N PHE A 24 10.48 -5.01 17.91
CA PHE A 24 9.28 -4.99 17.06
C PHE A 24 8.02 -5.15 17.92
N ILE A 25 8.05 -6.10 18.84
CA ILE A 25 6.92 -6.33 19.72
C ILE A 25 6.67 -5.10 20.59
N GLN A 26 7.75 -4.49 21.09
CA GLN A 26 7.63 -3.25 21.84
C GLN A 26 6.95 -2.15 21.01
N LEU A 27 7.29 -2.06 19.74
CA LEU A 27 6.65 -1.07 18.88
C LEU A 27 5.17 -1.39 18.67
N ILE A 28 4.83 -2.66 18.48
CA ILE A 28 3.43 -3.02 18.26
C ILE A 28 2.64 -2.67 19.51
N ARG A 29 3.21 -2.91 20.68
CA ARG A 29 2.56 -2.49 21.92
C ARG A 29 2.42 -0.98 22.02
N LEU A 30 3.39 -0.22 21.53
CA LEU A 30 3.25 1.22 21.50
C LEU A 30 2.10 1.64 20.56
N PHE A 31 1.99 1.01 19.40
CA PHE A 31 0.85 1.25 18.50
C PHE A 31 -0.47 1.01 19.22
N GLU A 32 -0.54 -0.12 19.91
CA GLU A 32 -1.76 -0.49 20.64
C GLU A 32 -2.12 0.62 21.63
N ALA A 33 -1.13 1.17 22.31
CA ALA A 33 -1.33 2.21 23.31
C ALA A 33 -1.72 3.53 22.66
N VAL A 34 -0.90 3.98 21.71
CA VAL A 34 -1.09 5.30 21.14
C VAL A 34 -2.37 5.35 20.32
N PHE A 35 -2.64 4.29 19.56
CA PHE A 35 -3.85 4.26 18.73
C PHE A 35 -5.08 3.86 19.54
N GLU A 36 -4.87 3.50 20.81
CA GLU A 36 -5.97 3.11 21.70
C GLU A 36 -6.79 1.97 21.09
N MET A 37 -6.09 0.95 20.61
CA MET A 37 -6.74 -0.22 20.03
C MET A 37 -7.47 -1.03 21.11
N LYS A 38 -8.71 -1.43 20.81
CA LYS A 38 -9.54 -2.09 21.80
C LYS A 38 -9.48 -3.61 21.71
N ASN A 39 -9.37 -4.26 22.87
CA ASN A 39 -9.40 -5.73 22.95
C ASN A 39 -8.46 -6.39 21.94
N PHE A 40 -7.25 -5.86 21.87
CA PHE A 40 -6.23 -6.34 20.96
C PHE A 40 -5.56 -7.61 21.48
N SER A 41 -5.38 -8.60 20.59
CA SER A 41 -4.57 -9.78 20.90
C SER A 41 -3.43 -9.84 19.92
N ILE A 42 -2.21 -9.67 20.41
CA ILE A 42 -1.04 -9.63 19.53
C ILE A 42 -0.87 -11.00 18.84
N PRO A 43 -0.51 -10.99 17.54
CA PRO A 43 -0.20 -12.26 16.88
C PRO A 43 0.94 -13.01 17.54
N ASP A 44 1.00 -14.32 17.34
CA ASP A 44 2.08 -15.08 17.96
C ASP A 44 3.44 -14.66 17.39
N SER A 45 4.49 -14.93 18.16
CA SER A 45 5.80 -14.39 17.83
C SER A 45 6.35 -14.98 16.54
N GLU A 46 5.92 -16.20 16.23
CA GLU A 46 6.37 -16.87 15.01
C GLU A 46 5.91 -16.08 13.79
N HIS A 47 4.65 -15.64 13.83
CA HIS A 47 4.12 -14.83 12.75
C HIS A 47 4.84 -13.49 12.64
N LEU A 48 5.09 -12.85 13.78
CA LEU A 48 5.76 -11.56 13.75
C LEU A 48 7.21 -11.69 13.26
N GLN A 49 7.89 -12.78 13.61
CA GLN A 49 9.24 -13.01 13.11
C GLN A 49 9.27 -13.23 11.60
N LYS A 50 8.32 -13.97 11.05
CA LYS A 50 8.24 -14.17 9.61
C LYS A 50 8.07 -12.84 8.90
N LEU A 51 7.24 -11.98 9.47
CA LEU A 51 7.04 -10.67 8.87
C LEU A 51 8.33 -9.86 8.91
N LEU A 52 9.03 -9.90 10.04
CA LEU A 52 10.24 -9.11 10.19
C LEU A 52 11.30 -9.61 9.21
N ASN A 53 11.20 -10.88 8.84
CA ASN A 53 12.18 -11.51 7.93
C ASN A 53 11.88 -11.25 6.45
N GLN A 54 10.73 -10.63 6.15
CA GLN A 54 10.36 -10.36 4.76
C GLN A 54 11.28 -9.31 4.16
N ASN A 55 11.64 -9.47 2.89
CA ASN A 55 12.49 -8.47 2.26
C ASN A 55 11.73 -7.25 1.74
N ASN A 56 10.41 -7.20 1.96
CA ASN A 56 9.61 -6.06 1.54
C ASN A 56 9.06 -5.27 2.73
N PHE A 57 9.66 -5.42 3.91
CA PHE A 57 9.12 -4.82 5.12
C PHE A 57 10.27 -4.24 5.94
N TYR A 58 10.15 -2.96 6.30
CA TYR A 58 11.18 -2.31 7.10
C TYR A 58 10.55 -1.49 8.21
N VAL A 59 11.09 -1.70 9.40
CA VAL A 59 10.65 -1.02 10.62
C VAL A 59 11.76 -0.11 11.15
N PHE A 60 11.38 1.10 11.52
CA PHE A 60 12.30 2.06 12.11
C PHE A 60 11.79 2.40 13.50
N VAL A 61 12.69 2.41 14.50
CA VAL A 61 12.27 2.79 15.84
C VAL A 61 13.12 3.92 16.41
N ALA A 62 12.54 4.58 17.40
CA ALA A 62 13.25 5.57 18.19
C ALA A 62 13.44 5.02 19.58
N LEU A 63 14.66 5.12 20.09
CA LEU A 63 15.01 4.58 21.39
C LEU A 63 15.54 5.65 22.34
N LEU A 64 15.08 5.60 23.58
CA LEU A 64 15.73 6.30 24.68
C LEU A 64 16.20 5.25 25.66
N GLU A 65 17.52 5.17 25.84
CA GLU A 65 18.13 4.01 26.47
C GLU A 65 17.69 2.78 25.68
N ASN A 66 17.07 1.82 26.35
CA ASN A 66 16.59 0.63 25.67
C ASN A 66 15.07 0.64 25.48
N LYS A 67 14.46 1.80 25.70
CA LYS A 67 13.02 1.92 25.61
C LYS A 67 12.59 2.44 24.24
N ILE A 68 11.73 1.68 23.57
CA ILE A 68 11.09 2.15 22.35
C ILE A 68 10.11 3.27 22.67
N VAL A 69 10.33 4.44 22.09
CA VAL A 69 9.46 5.58 22.34
C VAL A 69 8.78 6.08 21.06
N GLY A 70 9.06 5.43 19.94
CA GLY A 70 8.36 5.76 18.71
C GLY A 70 8.79 4.79 17.62
N GLY A 71 8.05 4.77 16.54
CA GLY A 71 8.48 3.99 15.40
C GLY A 71 7.56 4.07 14.21
N LEU A 72 8.00 3.51 13.10
CA LEU A 72 7.13 3.41 11.95
C LEU A 72 7.41 2.13 11.20
N THR A 73 6.39 1.69 10.49
CA THR A 73 6.44 0.49 9.68
C THR A 73 6.28 0.88 8.22
N SER A 74 6.92 0.14 7.34
CA SER A 74 6.83 0.48 5.93
C SER A 74 6.91 -0.78 5.07
N TYR A 75 6.20 -0.73 3.94
CA TYR A 75 6.20 -1.82 2.97
C TYR A 75 6.78 -1.37 1.65
N VAL A 76 7.62 -2.22 1.07
CA VAL A 76 8.12 -2.00 -0.28
C VAL A 76 7.10 -2.46 -1.30
N LEU A 77 6.80 -1.60 -2.26
CA LEU A 77 5.94 -2.00 -3.38
C LEU A 77 6.80 -1.88 -4.65
N GLU A 78 7.25 -3.01 -5.17
CA GLU A 78 7.93 -3.04 -6.46
C GLU A 78 6.94 -2.60 -7.52
N GLN A 79 7.38 -1.72 -8.40
CA GLN A 79 6.48 -1.11 -9.37
C GLN A 79 6.56 -1.72 -10.75
N TYR A 80 5.50 -1.58 -11.51
CA TYR A 80 5.54 -1.90 -12.94
C TYR A 80 5.70 -0.65 -13.79
N TYR A 81 5.66 0.53 -13.17
CA TYR A 81 5.92 1.76 -13.93
C TYR A 81 7.39 2.16 -13.94
N SER A 82 8.14 1.61 -12.97
CA SER A 82 9.54 1.98 -12.77
C SER A 82 10.29 0.81 -12.13
N GLU A 83 11.59 0.70 -12.38
CA GLU A 83 12.40 -0.26 -11.64
C GLU A 83 12.72 0.27 -10.23
N LYS A 84 12.44 1.56 -9.99
CA LYS A 84 12.66 2.18 -8.68
C LYS A 84 11.40 1.98 -7.82
N PRO A 85 11.51 1.23 -6.71
CA PRO A 85 10.27 0.90 -6.00
C PRO A 85 9.65 2.06 -5.23
N LEU A 86 8.41 1.82 -4.77
CA LEU A 86 7.75 2.69 -3.82
C LEU A 86 7.93 2.15 -2.41
N ALA A 87 7.97 3.05 -1.44
CA ALA A 87 7.76 2.63 -0.05
C ALA A 87 6.47 3.23 0.49
N TYR A 88 5.70 2.39 1.16
CA TYR A 88 4.42 2.75 1.75
C TYR A 88 4.59 2.73 3.27
N ILE A 89 4.62 3.92 3.87
CA ILE A 89 4.61 4.03 5.33
C ILE A 89 3.22 3.68 5.82
N TYR A 90 3.11 2.64 6.66
CA TYR A 90 1.82 2.13 7.06
C TYR A 90 1.37 2.69 8.41
N ASP A 91 2.23 2.67 9.40
CA ASP A 91 1.95 3.27 10.70
C ASP A 91 3.12 4.11 11.17
N LEU A 92 2.82 5.19 11.90
CA LEU A 92 3.83 5.99 12.59
C LEU A 92 3.23 6.42 13.92
N ALA A 93 3.98 6.25 15.01
CA ALA A 93 3.54 6.71 16.31
C ALA A 93 4.71 7.06 17.21
N VAL A 94 4.47 8.01 18.09
CA VAL A 94 5.41 8.38 19.14
C VAL A 94 4.69 8.35 20.49
N ASP A 95 5.33 7.77 21.49
CA ASP A 95 4.81 7.70 22.85
C ASP A 95 4.32 9.08 23.27
N THR A 96 3.12 9.18 23.84
CA THR A 96 2.56 10.48 24.18
C THR A 96 3.49 11.28 25.11
N ASN A 97 4.24 10.58 25.97
CA ASN A 97 5.18 11.23 26.89
C ASN A 97 6.42 11.79 26.21
N TRP A 98 6.63 11.45 24.95
CA TRP A 98 7.80 11.93 24.22
C TRP A 98 7.49 12.64 22.91
N GLN A 99 6.24 13.10 22.76
CA GLN A 99 5.87 13.86 21.58
C GLN A 99 6.38 15.30 21.66
N ARG A 100 6.37 15.99 20.52
CA ARG A 100 6.85 17.38 20.41
C ARG A 100 8.32 17.54 20.78
N GLN A 101 9.10 16.48 20.52
CA GLN A 101 10.53 16.47 20.81
C GLN A 101 11.33 16.12 19.56
N GLY A 102 10.68 16.23 18.41
CA GLY A 102 11.32 16.00 17.13
C GLY A 102 11.43 14.54 16.68
N ILE A 103 10.86 13.63 17.47
CA ILE A 103 11.08 12.20 17.20
C ILE A 103 10.40 11.75 15.91
N GLY A 104 9.16 12.17 15.69
CA GLY A 104 8.49 11.81 14.44
C GLY A 104 9.24 12.30 13.21
N LYS A 105 9.72 13.55 13.26
CA LYS A 105 10.44 14.11 12.13
C LYS A 105 11.71 13.32 11.87
N LYS A 106 12.38 12.91 12.95
CA LYS A 106 13.60 12.13 12.80
C LYS A 106 13.32 10.76 12.20
N LEU A 107 12.16 10.17 12.51
CA LEU A 107 11.82 8.88 11.94
C LEU A 107 11.56 9.02 10.45
N ILE A 108 10.83 10.06 10.07
CA ILE A 108 10.53 10.30 8.65
C ILE A 108 11.82 10.56 7.87
N THR A 109 12.69 11.42 8.43
CA THR A 109 13.97 11.70 7.78
C THR A 109 14.80 10.44 7.58
N ALA A 110 14.90 9.59 8.61
CA ALA A 110 15.71 8.37 8.50
C ALA A 110 15.13 7.40 7.49
N THR A 111 13.81 7.29 7.47
CA THR A 111 13.13 6.42 6.53
C THR A 111 13.37 6.86 5.10
N ASN A 112 13.19 8.15 4.84
CA ASN A 112 13.35 8.64 3.48
C ASN A 112 14.82 8.58 3.04
N GLN A 113 15.74 8.80 3.96
CA GLN A 113 17.16 8.67 3.64
C GLN A 113 17.50 7.24 3.27
N PHE A 114 16.95 6.28 4.01
CA PHE A 114 17.22 4.88 3.74
C PHE A 114 16.73 4.50 2.35
N TYR A 115 15.50 4.91 2.02
CA TYR A 115 14.94 4.52 0.73
C TYR A 115 15.61 5.30 -0.41
N THR A 116 16.07 6.51 -0.12
CA THR A 116 16.85 7.25 -1.11
C THR A 116 18.11 6.49 -1.48
N GLU A 117 18.84 6.03 -0.46
CA GLU A 117 20.08 5.31 -0.68
C GLU A 117 19.82 3.99 -1.42
N LYS A 118 18.66 3.39 -1.20
CA LYS A 118 18.28 2.16 -1.91
C LYS A 118 17.80 2.40 -3.35
N GLY A 119 17.71 3.66 -3.77
CA GLY A 119 17.28 3.95 -5.14
C GLY A 119 15.79 3.82 -5.39
N PHE A 120 14.98 4.12 -4.38
CA PHE A 120 13.53 4.14 -4.53
C PHE A 120 13.06 5.41 -5.23
N GLU A 121 11.85 5.35 -5.80
CA GLU A 121 11.27 6.50 -6.47
C GLU A 121 10.65 7.48 -5.49
N GLU A 122 9.90 6.93 -4.54
CA GLU A 122 8.95 7.74 -3.78
C GLU A 122 8.49 6.98 -2.55
N VAL A 123 8.20 7.73 -1.48
CA VAL A 123 7.67 7.20 -0.23
C VAL A 123 6.33 7.89 -0.03
N PHE A 124 5.32 7.18 0.45
CA PHE A 124 4.06 7.87 0.72
C PHE A 124 3.42 7.34 1.97
N VAL A 125 2.46 8.12 2.46
CA VAL A 125 1.82 7.83 3.75
C VAL A 125 0.40 8.41 3.74
N GLN A 126 -0.50 7.79 4.50
CA GLN A 126 -1.90 8.19 4.56
C GLN A 126 -2.28 8.75 5.92
N ALA A 127 -3.04 9.85 5.96
CA ALA A 127 -3.57 10.36 7.21
C ALA A 127 -5.06 10.65 7.05
N ASP A 128 -5.80 10.55 8.15
CA ASP A 128 -7.23 10.79 8.06
C ASP A 128 -7.49 12.28 8.00
N LYS A 129 -8.44 12.67 7.17
CA LYS A 129 -8.74 14.08 6.97
C LYS A 129 -9.18 14.77 8.26
N VAL A 130 -9.78 14.05 9.21
CA VAL A 130 -10.24 14.69 10.45
C VAL A 130 -9.16 14.76 11.52
N ASP A 131 -8.01 14.15 11.26
CA ASP A 131 -6.89 14.16 12.20
C ASP A 131 -6.00 15.38 11.94
N ASP A 132 -6.42 16.55 12.36
CA ASP A 132 -5.69 17.75 11.97
CA ASP A 132 -5.71 17.79 12.04
C ASP A 132 -4.27 17.78 12.50
N TYR A 133 -4.01 17.15 13.64
CA TYR A 133 -2.66 17.12 14.17
C TYR A 133 -1.74 16.16 13.39
N ALA A 134 -2.28 15.06 12.88
CA ALA A 134 -1.49 14.23 11.96
C ALA A 134 -1.17 15.03 10.70
N LEU A 135 -2.17 15.77 10.20
CA LEU A 135 -1.97 16.55 8.99
C LEU A 135 -0.92 17.63 9.20
N ASP A 136 -1.00 18.31 10.35
CA ASP A 136 0.00 19.31 10.72
C ASP A 136 1.36 18.65 10.74
N PHE A 137 1.44 17.46 11.33
CA PHE A 137 2.73 16.79 11.42
C PHE A 137 3.30 16.50 10.04
N TYR A 138 2.53 15.83 9.20
CA TYR A 138 3.10 15.49 7.90
C TYR A 138 3.42 16.75 7.10
N ARG A 139 2.59 17.78 7.21
CA ARG A 139 2.90 19.00 6.47
C ARG A 139 4.24 19.62 6.93
N SER A 140 4.64 19.35 8.17
CA SER A 140 5.89 19.93 8.69
C SER A 140 7.15 19.16 8.26
N THR A 141 6.97 18.02 7.57
CA THR A 141 8.11 17.20 7.14
C THR A 141 8.53 17.47 5.69
N LYS A 142 8.01 18.56 5.13
CA LYS A 142 8.35 18.99 3.78
CA LYS A 142 8.33 19.00 3.77
C LYS A 142 8.06 17.94 2.70
N PRO A 143 6.82 17.43 2.65
CA PRO A 143 6.52 16.48 1.57
C PRO A 143 6.48 17.16 0.20
N THR A 144 6.68 16.38 -0.86
CA THR A 144 6.67 16.90 -2.22
C THR A 144 5.26 17.30 -2.64
N ALA A 145 4.30 16.48 -2.23
CA ALA A 145 2.91 16.74 -2.59
C ALA A 145 1.97 16.19 -1.54
N GLU A 146 0.76 16.72 -1.55
CA GLU A 146 -0.34 16.30 -0.68
C GLU A 146 -1.58 16.20 -1.54
N GLU A 147 -2.30 15.10 -1.45
CA GLU A 147 -3.49 14.89 -2.26
C GLU A 147 -4.66 14.35 -1.45
N GLN A 148 -5.85 14.89 -1.68
CA GLN A 148 -7.08 14.35 -1.08
C GLN A 148 -7.46 13.05 -1.74
N VAL A 149 -7.75 12.05 -0.91
CA VAL A 149 -7.97 10.69 -1.36
C VAL A 149 -9.18 10.10 -0.64
N VAL A 150 -9.90 9.21 -1.30
CA VAL A 150 -10.97 8.47 -0.63
C VAL A 150 -10.52 7.02 -0.54
N HIS A 151 -10.51 6.51 0.69
CA HIS A 151 -10.05 5.15 0.99
C HIS A 151 -11.29 4.25 1.18
N PHE A 152 -11.32 3.17 0.42
CA PHE A 152 -12.42 2.20 0.47
C PHE A 152 -11.89 0.86 0.97
N TYR A 153 -12.67 0.15 1.77
CA TYR A 153 -12.27 -1.21 2.08
C TYR A 153 -13.47 -2.16 2.09
N TYR A 154 -13.14 -3.43 1.94
CA TYR A 154 -14.06 -4.54 1.86
C TYR A 154 -13.66 -5.51 2.94
N THR A 155 -14.49 -5.64 3.97
CA THR A 155 -14.24 -6.57 5.06
C THR A 155 -14.67 -7.92 4.56
N LEU A 156 -13.73 -8.86 4.49
CA LEU A 156 -14.03 -10.17 3.91
C LEU A 156 -14.69 -11.10 4.92
N LYS A 157 -15.43 -12.05 4.38
CA LYS A 157 -16.06 -13.07 5.22
C LYS A 157 -15.07 -14.20 5.50
N GLU B 6 -23.24 -6.20 -25.94
CA GLU B 6 -23.55 -7.15 -24.87
C GLU B 6 -22.46 -8.21 -24.78
N ILE B 7 -21.46 -7.95 -23.93
CA ILE B 7 -20.28 -8.79 -23.88
C ILE B 7 -20.29 -9.79 -22.74
N ASP B 8 -21.41 -9.87 -22.02
CA ASP B 8 -21.52 -10.67 -20.81
C ASP B 8 -21.06 -12.12 -21.00
N ASN B 9 -21.35 -12.70 -22.16
CA ASN B 9 -20.97 -14.09 -22.43
C ASN B 9 -19.66 -14.21 -23.22
N PHE B 10 -19.01 -13.08 -23.48
CA PHE B 10 -17.71 -13.09 -24.15
C PHE B 10 -16.60 -12.71 -23.19
N LEU B 11 -16.95 -11.98 -22.14
CA LEU B 11 -15.95 -11.46 -21.22
C LEU B 11 -15.34 -12.56 -20.36
N LYS B 12 -14.02 -12.58 -20.29
CA LYS B 12 -13.32 -13.51 -19.41
C LYS B 12 -12.56 -12.73 -18.35
N ILE B 13 -12.65 -13.17 -17.10
CA ILE B 13 -11.87 -12.57 -16.02
C ILE B 13 -10.85 -13.60 -15.56
N GLU B 14 -9.58 -13.23 -15.60
CA GLU B 14 -8.51 -14.17 -15.32
C GLU B 14 -7.46 -13.57 -14.42
N ARG B 15 -6.88 -14.41 -13.57
CA ARG B 15 -5.78 -14.00 -12.71
C ARG B 15 -4.46 -14.38 -13.40
N LEU B 16 -3.56 -13.43 -13.57
CA LEU B 16 -2.34 -13.71 -14.33
C LEU B 16 -1.42 -14.68 -13.59
N ALA B 17 -0.83 -15.58 -14.36
CA ALA B 17 0.13 -16.55 -13.86
C ALA B 17 1.51 -16.10 -14.27
N GLU B 18 2.54 -16.85 -13.88
CA GLU B 18 3.92 -16.44 -14.17
C GLU B 18 4.23 -16.45 -15.67
N ASN B 19 3.46 -17.19 -16.46
CA ASN B 19 3.70 -17.23 -17.90
C ASN B 19 2.97 -16.11 -18.65
N ASP B 20 2.43 -15.14 -17.90
CA ASP B 20 1.58 -14.11 -18.51
C ASP B 20 2.20 -12.73 -18.68
N LEU B 21 3.53 -12.65 -18.81
CA LEU B 21 4.15 -11.36 -19.06
C LEU B 21 3.53 -10.58 -20.23
N PRO B 22 3.20 -11.25 -21.36
CA PRO B 22 2.58 -10.46 -22.43
C PRO B 22 1.28 -9.76 -22.03
N LYS B 23 0.41 -10.46 -21.30
CA LYS B 23 -0.82 -9.83 -20.85
C LYS B 23 -0.55 -8.75 -19.81
N PHE B 24 0.48 -8.94 -18.99
CA PHE B 24 0.87 -7.94 -18.00
C PHE B 24 1.30 -6.65 -18.72
N ILE B 25 2.10 -6.80 -19.76
CA ILE B 25 2.55 -5.65 -20.54
C ILE B 25 1.36 -4.97 -21.22
N GLN B 26 0.43 -5.76 -21.77
CA GLN B 26 -0.80 -5.17 -22.33
C GLN B 26 -1.56 -4.36 -21.29
N LEU B 27 -1.66 -4.89 -20.07
CA LEU B 27 -2.34 -4.15 -19.01
C LEU B 27 -1.61 -2.85 -18.68
N ILE B 28 -0.29 -2.91 -18.61
CA ILE B 28 0.51 -1.73 -18.29
C ILE B 28 0.30 -0.67 -19.38
N ARG B 29 0.24 -1.09 -20.65
CA ARG B 29 -0.07 -0.14 -21.72
C ARG B 29 -1.48 0.43 -21.60
N LEU B 30 -2.42 -0.39 -21.13
CA LEU B 30 -3.77 0.10 -20.90
CA LEU B 30 -3.78 0.11 -20.91
C LEU B 30 -3.77 1.19 -19.83
N PHE B 31 -3.02 0.94 -18.75
CA PHE B 31 -2.87 1.94 -17.68
C PHE B 31 -2.29 3.23 -18.24
N GLU B 32 -1.24 3.12 -19.05
CA GLU B 32 -0.60 4.29 -19.63
C GLU B 32 -1.60 5.13 -20.45
N ALA B 33 -2.47 4.45 -21.17
CA ALA B 33 -3.48 5.11 -22.01
C ALA B 33 -4.59 5.71 -21.16
N VAL B 34 -5.20 4.91 -20.29
CA VAL B 34 -6.38 5.37 -19.55
C VAL B 34 -6.01 6.45 -18.53
N PHE B 35 -4.87 6.31 -17.88
CA PHE B 35 -4.41 7.28 -16.88
C PHE B 35 -3.67 8.45 -17.56
N GLU B 36 -3.55 8.36 -18.88
CA GLU B 36 -2.90 9.40 -19.69
C GLU B 36 -1.53 9.80 -19.14
N MET B 37 -0.68 8.80 -18.92
CA MET B 37 0.62 8.99 -18.30
C MET B 37 1.60 9.66 -19.25
N LYS B 38 2.26 10.72 -18.77
CA LYS B 38 3.22 11.46 -19.59
C LYS B 38 4.63 10.90 -19.46
N ASN B 39 5.35 10.87 -20.57
CA ASN B 39 6.76 10.48 -20.59
C ASN B 39 7.03 9.14 -19.91
N PHE B 40 6.21 8.14 -20.23
CA PHE B 40 6.37 6.82 -19.66
C PHE B 40 7.34 5.95 -20.47
N SER B 41 8.32 5.38 -19.79
CA SER B 41 9.24 4.39 -20.36
C SER B 41 9.02 3.10 -19.62
N ILE B 42 8.48 2.09 -20.29
CA ILE B 42 8.17 0.85 -19.59
C ILE B 42 9.48 0.22 -19.10
N PRO B 43 9.49 -0.32 -17.85
CA PRO B 43 10.70 -1.02 -17.38
C PRO B 43 11.01 -2.22 -18.25
N ASP B 44 12.23 -2.75 -18.18
CA ASP B 44 12.51 -3.88 -19.04
C ASP B 44 11.83 -5.14 -18.53
N SER B 45 11.78 -6.14 -19.39
CA SER B 45 10.96 -7.30 -19.13
C SER B 45 11.54 -8.18 -18.04
N GLU B 46 12.84 -8.12 -17.83
CA GLU B 46 13.44 -8.83 -16.72
C GLU B 46 12.84 -8.36 -15.41
N HIS B 47 12.72 -7.04 -15.25
CA HIS B 47 12.13 -6.47 -14.05
C HIS B 47 10.66 -6.85 -13.92
N LEU B 48 9.92 -6.70 -15.02
CA LEU B 48 8.49 -6.97 -14.98
C LEU B 48 8.22 -8.45 -14.70
N GLN B 49 9.07 -9.33 -15.24
CA GLN B 49 8.89 -10.75 -14.98
C GLN B 49 9.14 -11.07 -13.51
N LYS B 50 10.17 -10.45 -12.93
CA LYS B 50 10.47 -10.63 -11.52
C LYS B 50 9.30 -10.23 -10.64
N LEU B 51 8.69 -9.10 -10.97
CA LEU B 51 7.49 -8.66 -10.24
C LEU B 51 6.32 -9.65 -10.38
N LEU B 52 6.04 -10.08 -11.61
CA LEU B 52 4.97 -11.05 -11.84
C LEU B 52 5.23 -12.35 -11.10
N ASN B 53 6.49 -12.70 -10.90
CA ASN B 53 6.88 -13.90 -10.16
C ASN B 53 6.69 -13.82 -8.64
N GLN B 54 6.58 -12.60 -8.10
CA GLN B 54 6.47 -12.44 -6.64
C GLN B 54 5.19 -13.10 -6.14
N ASN B 55 5.27 -13.72 -4.96
CA ASN B 55 4.11 -14.39 -4.40
C ASN B 55 3.26 -13.47 -3.52
N ASN B 56 3.55 -12.18 -3.56
CA ASN B 56 2.76 -11.16 -2.86
C ASN B 56 2.19 -10.11 -3.79
N PHE B 57 2.10 -10.47 -5.07
CA PHE B 57 1.61 -9.56 -6.10
C PHE B 57 0.71 -10.35 -7.03
N TYR B 58 -0.52 -9.86 -7.22
CA TYR B 58 -1.50 -10.54 -8.06
C TYR B 58 -2.20 -9.58 -8.99
N VAL B 59 -2.30 -9.98 -10.25
CA VAL B 59 -2.88 -9.18 -11.31
C VAL B 59 -4.13 -9.87 -11.84
N PHE B 60 -5.23 -9.14 -11.95
CA PHE B 60 -6.44 -9.69 -12.54
C PHE B 60 -6.76 -8.93 -13.81
N VAL B 61 -7.10 -9.64 -14.87
CA VAL B 61 -7.41 -8.98 -16.13
C VAL B 61 -8.77 -9.36 -16.70
N ALA B 62 -9.28 -8.48 -17.54
CA ALA B 62 -10.52 -8.75 -18.28
C ALA B 62 -10.17 -8.87 -19.75
N LEU B 63 -10.71 -9.91 -20.39
CA LEU B 63 -10.35 -10.22 -21.76
C LEU B 63 -11.58 -10.31 -22.63
N LEU B 64 -11.51 -9.69 -23.80
CA LEU B 64 -12.45 -9.98 -24.87
C LEU B 64 -11.63 -10.65 -25.96
N GLU B 65 -11.96 -11.92 -26.20
CA GLU B 65 -11.06 -12.87 -26.86
C GLU B 65 -9.74 -12.92 -26.11
N ASN B 66 -8.66 -12.52 -26.76
CA ASN B 66 -7.37 -12.45 -26.08
C ASN B 66 -6.87 -11.02 -26.04
N LYS B 67 -7.79 -10.07 -26.09
CA LYS B 67 -7.44 -8.67 -25.91
C LYS B 67 -7.76 -8.20 -24.50
N ILE B 68 -6.77 -7.63 -23.84
CA ILE B 68 -6.94 -7.06 -22.51
C ILE B 68 -7.77 -5.79 -22.60
N VAL B 69 -8.90 -5.74 -21.92
CA VAL B 69 -9.75 -4.56 -21.97
C VAL B 69 -9.93 -3.94 -20.58
N GLY B 70 -9.27 -4.53 -19.60
CA GLY B 70 -9.30 -3.98 -18.25
C GLY B 70 -8.45 -4.82 -17.32
N GLY B 71 -8.12 -4.27 -16.16
CA GLY B 71 -7.45 -5.09 -15.17
C GLY B 71 -7.12 -4.32 -13.92
N LEU B 72 -6.61 -5.03 -12.92
CA LEU B 72 -6.19 -4.39 -11.69
C LEU B 72 -4.97 -5.11 -11.14
N THR B 73 -4.21 -4.39 -10.33
CA THR B 73 -3.02 -4.93 -9.69
C THR B 73 -3.25 -4.88 -8.19
N SER B 74 -2.68 -5.86 -7.48
CA SER B 74 -2.90 -5.90 -6.03
C SER B 74 -1.65 -6.45 -5.33
N TYR B 75 -1.37 -5.90 -4.14
CA TYR B 75 -0.24 -6.28 -3.30
C TYR B 75 -0.73 -6.89 -2.00
N VAL B 76 -0.12 -8.00 -1.62
CA VAL B 76 -0.37 -8.59 -0.32
C VAL B 76 0.46 -7.86 0.73
N LEU B 77 -0.21 -7.41 1.79
CA LEU B 77 0.48 -6.84 2.94
C LEU B 77 0.24 -7.71 4.17
N GLU B 78 1.24 -8.50 4.54
CA GLU B 78 1.17 -9.26 5.78
CA GLU B 78 1.20 -9.27 5.77
C GLU B 78 1.13 -8.31 6.95
N GLN B 79 0.25 -8.58 7.91
CA GLN B 79 0.03 -7.68 9.05
C GLN B 79 0.74 -8.07 10.32
N TYR B 80 0.98 -7.08 11.18
CA TYR B 80 1.41 -7.34 12.54
C TYR B 80 0.25 -7.22 13.54
N TYR B 81 -0.92 -6.78 13.08
CA TYR B 81 -2.10 -6.74 13.95
C TYR B 81 -2.94 -8.03 13.89
N SER B 82 -2.69 -8.87 12.90
CA SER B 82 -3.46 -10.09 12.68
C SER B 82 -2.62 -11.06 11.86
N GLU B 83 -2.89 -12.36 11.95
CA GLU B 83 -2.25 -13.31 11.03
C GLU B 83 -2.93 -13.35 9.66
N LYS B 84 -4.10 -12.74 9.55
CA LYS B 84 -4.77 -12.65 8.26
C LYS B 84 -4.29 -11.43 7.49
N PRO B 85 -3.80 -11.60 6.26
CA PRO B 85 -3.26 -10.45 5.55
C PRO B 85 -4.29 -9.48 4.99
N LEU B 86 -3.77 -8.35 4.55
CA LEU B 86 -4.52 -7.37 3.77
C LEU B 86 -4.12 -7.51 2.31
N ALA B 87 -5.05 -7.14 1.43
CA ALA B 87 -4.70 -6.91 0.04
C ALA B 87 -4.97 -5.46 -0.34
N TYR B 88 -4.00 -4.86 -1.02
CA TYR B 88 -4.04 -3.47 -1.46
C TYR B 88 -4.21 -3.44 -2.95
N ILE B 89 -5.38 -3.04 -3.44
CA ILE B 89 -5.55 -2.81 -4.88
C ILE B 89 -4.88 -1.50 -5.22
N TYR B 90 -3.89 -1.53 -6.10
CA TYR B 90 -3.13 -0.34 -6.39
C TYR B 90 -3.66 0.44 -7.58
N ASP B 91 -3.89 -0.27 -8.70
CA ASP B 91 -4.48 0.33 -9.92
C ASP B 91 -5.62 -0.51 -10.43
N LEU B 92 -6.61 0.15 -11.01
CA LEU B 92 -7.70 -0.51 -11.72
CA LEU B 92 -7.69 -0.51 -11.71
C LEU B 92 -8.07 0.36 -12.90
N ALA B 93 -8.16 -0.23 -14.08
CA ALA B 93 -8.57 0.52 -15.25
C ALA B 93 -9.33 -0.35 -16.22
N VAL B 94 -10.23 0.28 -16.95
CA VAL B 94 -10.97 -0.35 -18.02
C VAL B 94 -10.85 0.50 -19.28
N ASP B 95 -10.58 -0.15 -20.40
CA ASP B 95 -10.55 0.47 -21.73
C ASP B 95 -11.69 1.46 -21.88
N THR B 96 -11.39 2.67 -22.34
CA THR B 96 -12.41 3.70 -22.48
C THR B 96 -13.56 3.25 -23.41
N ASN B 97 -13.26 2.35 -24.34
CA ASN B 97 -14.27 1.84 -25.27
C ASN B 97 -15.22 0.85 -24.63
N TRP B 98 -14.84 0.30 -23.48
CA TRP B 98 -15.63 -0.75 -22.84
C TRP B 98 -16.06 -0.43 -21.42
N GLN B 99 -16.05 0.85 -21.05
CA GLN B 99 -16.39 1.26 -19.69
C GLN B 99 -17.89 1.25 -19.49
N ARG B 100 -18.32 1.25 -18.23
CA ARG B 100 -19.72 1.22 -17.86
C ARG B 100 -20.47 0.04 -18.49
N GLN B 101 -19.83 -1.11 -18.54
CA GLN B 101 -20.42 -2.35 -19.05
C GLN B 101 -20.13 -3.52 -18.11
N GLY B 102 -19.91 -3.19 -16.84
CA GLY B 102 -19.72 -4.19 -15.79
C GLY B 102 -18.35 -4.80 -15.63
N ILE B 103 -17.39 -4.37 -16.44
CA ILE B 103 -16.08 -4.98 -16.40
C ILE B 103 -15.35 -4.71 -15.08
N GLY B 104 -15.31 -3.44 -14.65
CA GLY B 104 -14.73 -3.09 -13.36
C GLY B 104 -15.32 -3.85 -12.19
N LYS B 105 -16.66 -3.93 -12.17
CA LYS B 105 -17.34 -4.64 -11.10
C LYS B 105 -16.95 -6.12 -11.06
N LYS B 106 -16.83 -6.75 -12.23
CA LYS B 106 -16.46 -8.16 -12.25
C LYS B 106 -15.01 -8.37 -11.83
N LEU B 107 -14.12 -7.40 -12.13
CA LEU B 107 -12.74 -7.47 -11.67
C LEU B 107 -12.68 -7.39 -10.14
N ILE B 108 -13.43 -6.46 -9.55
CA ILE B 108 -13.45 -6.32 -8.10
C ILE B 108 -14.04 -7.57 -7.43
N THR B 109 -15.13 -8.08 -7.98
CA THR B 109 -15.74 -9.29 -7.44
C THR B 109 -14.75 -10.47 -7.45
N ALA B 110 -14.06 -10.67 -8.57
CA ALA B 110 -13.13 -11.79 -8.68
C ALA B 110 -11.96 -11.64 -7.72
N THR B 111 -11.51 -10.41 -7.56
CA THR B 111 -10.39 -10.12 -6.70
C THR B 111 -10.75 -10.40 -5.25
N ASN B 112 -11.89 -9.86 -4.82
CA ASN B 112 -12.30 -10.08 -3.44
C ASN B 112 -12.62 -11.53 -3.15
N GLN B 113 -13.19 -12.25 -4.14
CA GLN B 113 -13.43 -13.67 -3.99
C GLN B 113 -12.11 -14.43 -3.80
N PHE B 114 -11.10 -14.08 -4.60
CA PHE B 114 -9.79 -14.71 -4.48
C PHE B 114 -9.18 -14.54 -3.09
N TYR B 115 -9.20 -13.32 -2.56
CA TYR B 115 -8.57 -13.06 -1.29
C TYR B 115 -9.42 -13.60 -0.14
N THR B 116 -10.73 -13.70 -0.36
CA THR B 116 -11.61 -14.36 0.62
C THR B 116 -11.25 -15.83 0.79
N GLU B 117 -11.05 -16.51 -0.34
CA GLU B 117 -10.70 -17.91 -0.33
C GLU B 117 -9.36 -18.14 0.38
N LYS B 118 -8.46 -17.17 0.25
CA LYS B 118 -7.16 -17.20 0.89
C LYS B 118 -7.20 -16.77 2.36
N GLY B 119 -8.38 -16.41 2.85
CA GLY B 119 -8.55 -16.07 4.25
C GLY B 119 -7.94 -14.75 4.66
N PHE B 120 -7.92 -13.80 3.74
CA PHE B 120 -7.48 -12.44 4.06
C PHE B 120 -8.53 -11.72 4.91
N GLU B 121 -8.09 -10.68 5.64
CA GLU B 121 -8.99 -9.91 6.48
C GLU B 121 -9.81 -8.93 5.65
N GLU B 122 -9.15 -8.31 4.68
CA GLU B 122 -9.67 -7.09 4.08
C GLU B 122 -8.96 -6.79 2.79
N VAL B 123 -9.68 -6.22 1.84
CA VAL B 123 -9.10 -5.68 0.62
C VAL B 123 -9.35 -4.19 0.68
N PHE B 124 -8.36 -3.36 0.35
CA PHE B 124 -8.63 -1.93 0.27
C PHE B 124 -8.08 -1.28 -1.00
N VAL B 125 -8.59 -0.10 -1.30
CA VAL B 125 -8.29 0.59 -2.55
C VAL B 125 -8.53 2.07 -2.35
N GLN B 126 -7.84 2.90 -3.11
CA GLN B 126 -8.02 4.34 -2.99
C GLN B 126 -8.34 4.99 -4.33
N ALA B 127 -9.03 6.11 -4.27
CA ALA B 127 -9.28 6.91 -5.44
C ALA B 127 -8.98 8.34 -5.07
N ASP B 128 -8.41 9.09 -6.00
CA ASP B 128 -8.24 10.51 -5.77
C ASP B 128 -9.59 11.19 -5.68
N LYS B 129 -9.73 12.13 -4.74
CA LYS B 129 -11.01 12.78 -4.52
C LYS B 129 -11.49 13.54 -5.75
N VAL B 130 -10.56 13.98 -6.60
CA VAL B 130 -10.93 14.73 -7.78
C VAL B 130 -11.34 13.80 -8.92
N ASP B 131 -11.19 12.50 -8.72
CA ASP B 131 -11.52 11.53 -9.76
C ASP B 131 -12.95 11.06 -9.61
N ASP B 132 -13.87 11.87 -10.12
CA ASP B 132 -15.30 11.62 -9.96
C ASP B 132 -15.71 10.29 -10.54
N TYR B 133 -15.16 9.94 -11.70
CA TYR B 133 -15.51 8.67 -12.33
C TYR B 133 -15.16 7.49 -11.44
N ALA B 134 -13.95 7.51 -10.88
CA ALA B 134 -13.49 6.39 -10.08
C ALA B 134 -14.29 6.29 -8.78
N LEU B 135 -14.62 7.44 -8.19
CA LEU B 135 -15.37 7.45 -6.95
C LEU B 135 -16.76 6.85 -7.15
N ASP B 136 -17.44 7.23 -8.23
CA ASP B 136 -18.76 6.68 -8.46
C ASP B 136 -18.64 5.19 -8.71
N PHE B 137 -17.56 4.76 -9.35
CA PHE B 137 -17.35 3.34 -9.59
C PHE B 137 -17.19 2.57 -8.27
N TYR B 138 -16.27 3.00 -7.42
CA TYR B 138 -16.03 2.21 -6.20
C TYR B 138 -17.27 2.21 -5.30
N ARG B 139 -18.02 3.29 -5.31
CA ARG B 139 -19.22 3.36 -4.48
C ARG B 139 -20.31 2.44 -4.97
N SER B 140 -20.12 1.87 -6.16
CA SER B 140 -21.10 0.94 -6.75
CA SER B 140 -21.10 0.94 -6.75
C SER B 140 -20.70 -0.53 -6.55
N THR B 141 -19.64 -0.76 -5.79
CA THR B 141 -19.12 -2.13 -5.58
C THR B 141 -19.42 -2.65 -4.18
N LYS B 142 -20.35 -2.01 -3.47
CA LYS B 142 -20.68 -2.39 -2.10
C LYS B 142 -19.47 -2.45 -1.16
N PRO B 143 -18.67 -1.37 -1.13
CA PRO B 143 -17.58 -1.37 -0.15
C PRO B 143 -18.15 -1.37 1.27
N THR B 144 -17.41 -1.91 2.21
CA THR B 144 -17.86 -1.92 3.60
C THR B 144 -17.95 -0.51 4.14
N ALA B 145 -16.94 0.30 3.82
CA ALA B 145 -16.91 1.69 4.24
C ALA B 145 -16.01 2.50 3.33
N GLU B 146 -16.13 3.81 3.47
CA GLU B 146 -15.23 4.76 2.84
C GLU B 146 -14.78 5.78 3.87
N GLU B 147 -13.52 6.20 3.73
CA GLU B 147 -12.87 7.14 4.63
C GLU B 147 -12.24 8.28 3.84
N GLN B 148 -12.43 9.51 4.32
CA GLN B 148 -11.78 10.67 3.71
C GLN B 148 -10.38 10.82 4.25
N VAL B 149 -9.39 10.74 3.37
CA VAL B 149 -8.01 10.75 3.81
C VAL B 149 -7.16 11.65 2.93
N VAL B 150 -5.89 11.78 3.32
CA VAL B 150 -4.92 12.61 2.64
C VAL B 150 -3.67 11.78 2.41
N HIS B 151 -3.12 11.82 1.20
CA HIS B 151 -1.84 11.16 0.95
C HIS B 151 -0.74 12.19 0.86
N PHE B 152 0.38 11.89 1.51
CA PHE B 152 1.58 12.73 1.42
C PHE B 152 2.64 11.94 0.69
N TYR B 153 3.32 12.60 -0.22
CA TYR B 153 4.31 11.97 -1.10
C TYR B 153 5.67 12.61 -0.93
N TYR B 154 6.69 11.78 -0.80
CA TYR B 154 8.08 12.25 -0.74
C TYR B 154 8.79 11.66 -1.96
N THR B 155 8.99 12.50 -2.98
CA THR B 155 9.64 12.02 -4.20
C THR B 155 11.14 12.14 -4.00
N LEU B 156 11.85 11.03 -4.16
CA LEU B 156 13.25 10.95 -3.73
C LEU B 156 14.24 11.35 -4.81
N LYS B 157 15.35 11.94 -4.41
CA LYS B 157 16.43 12.29 -5.32
C LYS B 157 17.26 11.07 -5.66
#